data_4XT0
#
_entry.id   4XT0
#
_cell.length_a   123.708
_cell.length_b   123.708
_cell.length_c   66.416
_cell.angle_alpha   90.000
_cell.angle_beta   90.000
_cell.angle_gamma   120.000
#
_symmetry.space_group_name_H-M   'P 63 2 2'
#
loop_
_entity.id
_entity.type
_entity.pdbx_description
1 polymer 'Protein LigF'
2 non-polymer GLUTATHIONE
3 non-polymer 2-AMINO-2-HYDROXYMETHYL-PROPANE-1,3-DIOL
4 non-polymer 'PENTAETHYLENE GLYCOL'
5 water water
#
_entity_poly.entity_id   1
_entity_poly.type   'polypeptide(L)'
_entity_poly.pdbx_seq_one_letter_code
;GSHMTLKLYSFGPGANSLKPLATLYEKGLEFEQVFVDPSKFEQHSDWFKKINPRGQVPALWHDGKVVTESTVICEYLEDV
FPESGNSLRPADPFKRAEMRVWTKWVDEYFCWCVSTIGWAFGIKAIAQKMSDEEFEEHINKNVPIPEQQLKWRRARNGFP
QEMLDEEFRKVGVSVARLEETLSKQDYLVDTGYSLADICNFAIANGLQRPGGFFGDYVNQEKTPGLCAWLDRINARPAIK
EMFEKS
;
_entity_poly.pdbx_strand_id   A
#
# COMPACT_ATOMS: atom_id res chain seq x y z
N MET A 4 -22.07 7.69 9.03
CA MET A 4 -21.20 6.52 9.00
C MET A 4 -20.61 6.21 10.39
N THR A 5 -20.47 4.92 10.68
CA THR A 5 -19.75 4.51 11.88
C THR A 5 -18.35 4.02 11.49
N LEU A 6 -18.15 3.82 10.19
CA LEU A 6 -16.84 3.45 9.65
C LEU A 6 -16.39 4.52 8.68
N LYS A 7 -15.18 5.03 8.89
CA LYS A 7 -14.56 6.00 7.98
C LYS A 7 -13.12 5.59 7.69
N LEU A 8 -12.70 5.67 6.44
CA LEU A 8 -11.31 5.45 6.08
C LEU A 8 -10.67 6.73 5.53
N TYR A 9 -9.58 7.13 6.14
CA TYR A 9 -8.79 8.28 5.70
C TYR A 9 -7.57 7.77 4.94
N SER A 10 -7.45 8.11 3.66
CA SER A 10 -6.35 7.53 2.86
C SER A 10 -6.07 8.30 1.59
N PHE A 11 -5.05 7.87 0.84
CA PHE A 11 -4.70 8.50 -0.44
C PHE A 11 -5.44 7.86 -1.62
N GLY A 12 -6.37 6.95 -1.36
CA GLY A 12 -7.03 6.24 -2.45
C GLY A 12 -6.37 4.90 -2.73
N PRO A 13 -6.73 4.27 -3.86
CA PRO A 13 -6.26 2.90 -4.10
C PRO A 13 -4.83 2.77 -4.66
N GLY A 14 -3.83 2.96 -3.80
CA GLY A 14 -2.45 2.69 -4.15
C GLY A 14 -1.63 2.58 -2.89
N ALA A 15 -0.53 1.84 -2.95
CA ALA A 15 0.39 1.69 -1.83
C ALA A 15 -0.35 1.29 -0.56
N ASN A 16 0.02 1.86 0.58
CA ASN A 16 -0.49 1.34 1.85
C ASN A 16 -1.99 1.58 2.00
N SER A 17 -2.48 2.67 1.43
CA SER A 17 -3.91 3.00 1.45
C SER A 17 -4.79 1.93 0.79
N LEU A 18 -4.29 1.30 -0.27
CA LEU A 18 -5.09 0.33 -0.98
C LEU A 18 -5.52 -0.86 -0.10
N LYS A 19 -4.67 -1.26 0.86
CA LYS A 19 -4.93 -2.47 1.64
C LYS A 19 -6.28 -2.41 2.37
N PRO A 20 -6.49 -1.42 3.27
CA PRO A 20 -7.83 -1.45 3.90
C PRO A 20 -8.97 -1.03 2.96
N LEU A 21 -8.66 -0.27 1.92
CA LEU A 21 -9.68 0.14 0.97
C LEU A 21 -10.23 -1.09 0.25
N ALA A 22 -9.33 -1.93 -0.26
CA ALA A 22 -9.74 -3.17 -0.94
C ALA A 22 -10.48 -4.12 0.05
N THR A 23 -9.98 -4.20 1.27
CA THR A 23 -10.62 -5.03 2.30
C THR A 23 -12.06 -4.61 2.54
N LEU A 24 -12.30 -3.30 2.66
CA LEU A 24 -13.64 -2.77 2.90
C LEU A 24 -14.60 -3.10 1.75
N TYR A 25 -14.13 -2.94 0.52
CA TYR A 25 -14.99 -3.24 -0.64
C TYR A 25 -15.19 -4.74 -0.80
N GLU A 26 -14.17 -5.53 -0.50
CA GLU A 26 -14.33 -6.99 -0.65
C GLU A 26 -15.33 -7.52 0.36
N LYS A 27 -15.41 -6.87 1.52
CA LYS A 27 -16.31 -7.36 2.58
C LYS A 27 -17.70 -6.69 2.51
N GLY A 28 -17.86 -5.83 1.51
CA GLY A 28 -19.15 -5.19 1.27
C GLY A 28 -19.51 -4.23 2.40
N LEU A 29 -18.51 -3.77 3.13
CA LEU A 29 -18.76 -2.89 4.28
C LEU A 29 -19.06 -1.47 3.84
N GLU A 30 -20.10 -0.88 4.44
CA GLU A 30 -20.41 0.53 4.22
C GLU A 30 -19.48 1.42 5.05
N PHE A 31 -18.93 2.45 4.42
CA PHE A 31 -17.97 3.33 5.05
C PHE A 31 -17.88 4.64 4.30
N GLU A 32 -17.47 5.69 5.00
CA GLU A 32 -17.19 6.96 4.34
C GLU A 32 -15.74 6.95 3.84
N GLN A 33 -15.57 7.10 2.54
CA GLN A 33 -14.25 7.16 1.94
C GLN A 33 -13.75 8.60 1.98
N VAL A 34 -12.81 8.91 2.88
CA VAL A 34 -12.31 10.28 3.00
C VAL A 34 -10.95 10.45 2.32
N PHE A 35 -10.92 11.24 1.26
CA PHE A 35 -9.67 11.49 0.54
C PHE A 35 -8.81 12.51 1.27
N VAL A 36 -7.65 12.07 1.76
CA VAL A 36 -6.65 12.98 2.35
C VAL A 36 -5.72 13.40 1.23
N ASP A 37 -5.76 14.68 0.84
CA ASP A 37 -5.11 15.11 -0.40
C ASP A 37 -3.61 15.36 -0.20
N PRO A 38 -2.77 14.46 -0.74
CA PRO A 38 -1.32 14.63 -0.59
C PRO A 38 -0.78 15.88 -1.29
N SER A 39 -1.43 16.32 -2.38
CA SER A 39 -0.95 17.51 -3.09
C SER A 39 -1.04 18.77 -2.20
N LYS A 40 -1.90 18.71 -1.19
CA LYS A 40 -2.03 19.79 -0.23
C LYS A 40 -1.44 19.44 1.14
N PHE A 41 -0.65 18.35 1.17
CA PHE A 41 -0.06 17.85 2.41
C PHE A 41 -1.08 17.73 3.53
N GLU A 42 -2.30 17.32 3.20
CA GLU A 42 -3.36 17.25 4.20
C GLU A 42 -3.05 16.22 5.29
N GLN A 43 -2.16 15.27 4.99
CA GLN A 43 -1.79 14.28 6.04
C GLN A 43 -1.03 14.98 7.16
N HIS A 44 -0.61 16.22 6.91
CA HIS A 44 0.11 17.01 7.91
C HIS A 44 -0.73 18.14 8.46
N SER A 45 -2.01 18.16 8.09
CA SER A 45 -2.91 19.20 8.54
C SER A 45 -3.18 19.00 10.03
N ASP A 46 -3.61 20.06 10.71
CA ASP A 46 -3.94 19.95 12.13
C ASP A 46 -5.17 19.08 12.35
N TRP A 47 -6.13 19.13 11.42
CA TRP A 47 -7.33 18.34 11.57
C TRP A 47 -7.06 16.86 11.36
N PHE A 48 -6.11 16.50 10.49
CA PHE A 48 -5.85 15.08 10.29
C PHE A 48 -4.94 14.51 11.38
N LYS A 49 -4.00 15.31 11.87
CA LYS A 49 -3.08 14.84 12.91
C LYS A 49 -3.82 14.65 14.24
N LYS A 50 -5.00 15.26 14.34
CA LYS A 50 -5.91 14.99 15.44
C LYS A 50 -6.44 13.55 15.37
N ILE A 51 -6.70 13.07 14.15
CA ILE A 51 -7.14 11.68 13.93
C ILE A 51 -5.97 10.70 14.07
N ASN A 52 -4.87 10.99 13.40
CA ASN A 52 -3.65 10.20 13.52
C ASN A 52 -2.43 11.09 13.74
N PRO A 53 -1.94 11.15 15.00
CA PRO A 53 -0.82 12.05 15.31
C PRO A 53 0.46 11.72 14.54
N ARG A 54 0.55 10.54 13.95
CA ARG A 54 1.74 10.18 13.16
C ARG A 54 1.78 10.98 11.85
N GLY A 55 0.62 11.48 11.42
CA GLY A 55 0.57 12.26 10.20
C GLY A 55 0.76 11.45 8.93
N GLN A 56 0.26 10.22 8.96
CA GLN A 56 0.32 9.34 7.78
C GLN A 56 -1.00 8.63 7.57
N VAL A 57 -1.19 8.17 6.33
CA VAL A 57 -2.37 7.41 5.98
C VAL A 57 -1.92 5.96 5.73
N PRO A 58 -2.84 4.98 5.83
CA PRO A 58 -4.28 5.11 6.15
C PRO A 58 -4.57 5.13 7.64
N ALA A 59 -5.77 5.59 7.96
CA ALA A 59 -6.26 5.57 9.33
C ALA A 59 -7.74 5.19 9.27
N LEU A 60 -8.15 4.21 10.08
CA LEU A 60 -9.57 3.83 10.13
C LEU A 60 -10.22 4.38 11.37
N TRP A 61 -11.37 5.02 11.19
CA TRP A 61 -12.17 5.52 12.31
C TRP A 61 -13.39 4.62 12.46
N HIS A 62 -13.57 4.05 13.65
CA HIS A 62 -14.70 3.15 13.85
C HIS A 62 -15.33 3.43 15.20
N ASP A 63 -16.47 4.11 15.16
CA ASP A 63 -17.23 4.48 16.36
C ASP A 63 -16.39 5.28 17.35
N GLY A 64 -15.54 6.16 16.84
CA GLY A 64 -14.73 7.00 17.71
C GLY A 64 -13.34 6.45 18.01
N LYS A 65 -13.08 5.22 17.57
CA LYS A 65 -11.78 4.61 17.76
C LYS A 65 -10.98 4.70 16.47
N VAL A 66 -9.70 5.07 16.57
CA VAL A 66 -8.84 5.13 15.38
C VAL A 66 -7.87 3.95 15.32
N VAL A 67 -7.91 3.22 14.21
CA VAL A 67 -7.00 2.11 13.95
C VAL A 67 -6.01 2.55 12.87
N THR A 68 -4.70 2.41 13.13
CA THR A 68 -3.68 2.72 12.13
C THR A 68 -2.81 1.51 11.80
N GLU A 69 -1.88 1.72 10.85
CA GLU A 69 -1.06 0.68 10.20
C GLU A 69 -1.91 -0.14 9.21
N SER A 70 -1.65 0.02 7.92
CA SER A 70 -2.47 -0.62 6.87
C SER A 70 -2.74 -2.11 7.13
N THR A 71 -1.72 -2.90 7.44
CA THR A 71 -1.89 -4.33 7.66
C THR A 71 -2.79 -4.62 8.88
N VAL A 72 -2.63 -3.82 9.93
CA VAL A 72 -3.39 -3.99 11.15
C VAL A 72 -4.89 -3.69 10.94
N ILE A 73 -5.17 -2.65 10.16
CA ILE A 73 -6.53 -2.28 9.87
C ILE A 73 -7.26 -3.44 9.16
N CYS A 74 -6.59 -4.08 8.20
CA CYS A 74 -7.23 -5.19 7.48
C CYS A 74 -7.53 -6.34 8.44
N GLU A 75 -6.58 -6.68 9.31
CA GLU A 75 -6.80 -7.75 10.30
C GLU A 75 -7.91 -7.33 11.28
N TYR A 76 -7.93 -6.07 11.66
CA TYR A 76 -9.00 -5.52 12.49
C TYR A 76 -10.37 -5.71 11.85
N LEU A 77 -10.47 -5.48 10.55
CA LEU A 77 -11.77 -5.58 9.87
C LEU A 77 -12.24 -7.04 9.82
N GLU A 78 -11.28 -7.96 9.69
CA GLU A 78 -11.62 -9.38 9.73
C GLU A 78 -11.95 -9.83 11.17
N ASP A 79 -11.30 -9.23 12.16
CA ASP A 79 -11.58 -9.56 13.57
C ASP A 79 -13.00 -9.12 13.95
N VAL A 80 -13.41 -7.96 13.44
CA VAL A 80 -14.68 -7.34 13.85
C VAL A 80 -15.86 -7.73 12.95
N PHE A 81 -15.61 -7.88 11.66
CA PHE A 81 -16.70 -8.28 10.75
C PHE A 81 -16.39 -9.60 10.04
N PRO A 82 -16.21 -10.69 10.79
CA PRO A 82 -15.83 -11.94 10.13
C PRO A 82 -16.94 -12.48 9.23
N GLU A 83 -18.18 -12.06 9.47
CA GLU A 83 -19.31 -12.58 8.70
C GLU A 83 -19.79 -11.61 7.62
N SER A 84 -18.96 -10.65 7.22
CA SER A 84 -19.40 -9.68 6.20
C SER A 84 -18.71 -9.93 4.86
N GLY A 85 -19.50 -10.22 3.83
CA GLY A 85 -19.00 -10.39 2.48
C GLY A 85 -17.89 -11.42 2.38
N ASN A 86 -16.94 -11.20 1.47
CA ASN A 86 -15.84 -12.16 1.27
C ASN A 86 -14.98 -12.38 2.51
N SER A 87 -14.64 -13.63 2.78
CA SER A 87 -13.78 -13.95 3.93
C SER A 87 -12.30 -13.89 3.53
N LEU A 88 -11.51 -13.02 4.18
CA LEU A 88 -10.19 -12.69 3.62
C LEU A 88 -9.03 -13.27 4.44
N ARG A 89 -9.34 -14.08 5.45
CA ARG A 89 -8.28 -14.88 6.10
C ARG A 89 -8.70 -16.33 6.09
N PRO A 90 -7.74 -17.23 5.82
CA PRO A 90 -8.03 -18.68 5.90
C PRO A 90 -8.60 -19.06 7.26
N ALA A 91 -9.54 -20.00 7.31
CA ALA A 91 -10.01 -20.51 8.60
C ALA A 91 -8.96 -21.44 9.24
N ASP A 92 -8.22 -22.14 8.38
CA ASP A 92 -7.14 -23.01 8.81
C ASP A 92 -6.00 -22.15 9.40
N PRO A 93 -5.68 -22.34 10.69
CA PRO A 93 -4.63 -21.49 11.30
C PRO A 93 -3.22 -21.65 10.69
N PHE A 94 -2.89 -22.81 10.16
CA PHE A 94 -1.59 -22.96 9.51
C PHE A 94 -1.53 -22.11 8.23
N LYS A 95 -2.65 -22.06 7.51
CA LYS A 95 -2.74 -21.25 6.28
C LYS A 95 -2.81 -19.75 6.63
N ARG A 96 -3.46 -19.42 7.73
CA ARG A 96 -3.51 -18.05 8.24
CA ARG A 96 -3.51 -18.03 8.19
C ARG A 96 -2.10 -17.58 8.62
N ALA A 97 -1.30 -18.49 9.19
CA ALA A 97 0.10 -18.18 9.49
C ALA A 97 0.90 -17.89 8.22
N GLU A 98 0.73 -18.71 7.22
CA GLU A 98 1.41 -18.52 5.94
C GLU A 98 1.02 -17.17 5.33
N MET A 99 -0.27 -16.82 5.45
CA MET A 99 -0.77 -15.52 5.02
C MET A 99 0.00 -14.35 5.69
N ARG A 100 0.19 -14.43 7.00
CA ARG A 100 0.88 -13.38 7.75
C ARG A 100 2.35 -13.29 7.37
N VAL A 101 2.96 -14.42 7.00
CA VAL A 101 4.34 -14.37 6.52
C VAL A 101 4.38 -13.47 5.28
N TRP A 102 3.40 -13.60 4.40
CA TRP A 102 3.32 -12.73 3.21
C TRP A 102 3.05 -11.29 3.55
N THR A 103 2.13 -11.03 4.50
CA THR A 103 1.73 -9.65 4.74
C THR A 103 2.86 -8.91 5.48
N LYS A 104 3.54 -9.59 6.38
CA LYS A 104 4.62 -8.93 7.11
C LYS A 104 5.83 -8.75 6.18
N TRP A 105 5.97 -9.63 5.18
CA TRP A 105 7.04 -9.47 4.21
C TRP A 105 6.81 -8.22 3.35
N VAL A 106 5.55 -7.89 3.07
CA VAL A 106 5.26 -6.63 2.42
C VAL A 106 5.71 -5.47 3.30
N ASP A 107 5.35 -5.54 4.59
CA ASP A 107 5.73 -4.47 5.56
C ASP A 107 7.22 -4.35 5.82
N GLU A 108 7.97 -5.44 5.70
CA GLU A 108 9.37 -5.42 6.11
C GLU A 108 10.36 -5.41 4.96
N TYR A 109 9.89 -5.63 3.74
CA TYR A 109 10.82 -5.73 2.60
C TYR A 109 10.26 -5.13 1.30
N PHE A 110 9.14 -5.68 0.82
CA PHE A 110 8.65 -5.38 -0.53
C PHE A 110 8.17 -3.94 -0.67
N CYS A 111 7.37 -3.46 0.29
CA CYS A 111 6.86 -2.10 0.19
C CYS A 111 8.01 -1.09 0.14
N TRP A 112 9.02 -1.29 0.96
CA TRP A 112 10.05 -0.26 1.12
C TRP A 112 10.99 -0.08 -0.07
N CYS A 113 11.34 -1.15 -0.77
CA CYS A 113 12.23 -0.96 -1.92
C CYS A 113 11.47 -0.27 -3.06
N VAL A 114 10.22 -0.68 -3.28
CA VAL A 114 9.38 -0.04 -4.30
C VAL A 114 9.14 1.43 -3.93
N SER A 115 8.77 1.64 -2.66
CA SER A 115 8.51 2.98 -2.15
C SER A 115 9.71 3.91 -2.31
N THR A 116 10.90 3.44 -1.94
CA THR A 116 12.11 4.25 -2.07
C THR A 116 12.29 4.78 -3.49
N ILE A 117 12.03 3.94 -4.47
CA ILE A 117 12.13 4.37 -5.86
C ILE A 117 11.03 5.41 -6.16
N GLY A 118 9.84 5.19 -5.59
CA GLY A 118 8.76 6.15 -5.69
C GLY A 118 9.06 7.53 -5.13
N TRP A 119 9.69 7.60 -3.95
CA TRP A 119 10.07 8.88 -3.36
C TRP A 119 11.11 9.61 -4.22
N ALA A 120 12.00 8.86 -4.85
CA ALA A 120 13.07 9.45 -5.63
C ALA A 120 12.55 10.06 -6.93
N PHE A 121 11.63 9.37 -7.59
CA PHE A 121 11.19 9.79 -8.93
C PHE A 121 9.71 10.17 -9.02
N GLY A 122 8.90 9.68 -8.08
CA GLY A 122 7.45 9.74 -8.22
C GLY A 122 6.68 10.98 -7.79
N ILE A 123 7.11 11.66 -6.73
CA ILE A 123 6.37 12.82 -6.22
C ILE A 123 7.16 14.12 -6.35
N LYS A 124 7.92 14.21 -7.43
CA LYS A 124 8.80 15.34 -7.68
C LYS A 124 8.07 16.68 -7.66
N ALA A 125 6.83 16.68 -8.14
CA ALA A 125 6.04 17.92 -8.26
C ALA A 125 5.56 18.42 -6.91
N ILE A 126 4.99 17.51 -6.12
CA ILE A 126 4.63 17.84 -4.75
C ILE A 126 5.89 18.24 -3.99
N ALA A 127 6.93 17.43 -4.13
CA ALA A 127 8.21 17.64 -3.43
C ALA A 127 8.82 19.02 -3.71
N GLN A 128 8.43 19.64 -4.82
CA GLN A 128 9.06 20.90 -5.24
C GLN A 128 8.09 22.07 -5.33
N LYS A 129 6.84 21.84 -4.93
CA LYS A 129 5.81 22.87 -4.92
C LYS A 129 6.27 24.16 -4.27
N MET A 130 6.61 24.06 -2.99
CA MET A 130 6.95 25.21 -2.17
C MET A 130 8.34 25.76 -2.47
N SER A 131 8.59 27.00 -2.05
CA SER A 131 9.94 27.56 -2.14
C SER A 131 10.85 26.76 -1.22
N ASP A 132 12.15 26.97 -1.35
CA ASP A 132 13.11 26.25 -0.52
C ASP A 132 12.88 26.49 1.00
N GLU A 133 12.57 27.72 1.41
CA GLU A 133 12.43 27.97 2.84
C GLU A 133 11.05 27.54 3.30
N GLU A 134 10.08 27.60 2.39
CA GLU A 134 8.70 27.25 2.71
C GLU A 134 8.60 25.74 2.85
N PHE A 135 9.34 25.04 2.00
CA PHE A 135 9.52 23.61 2.10
C PHE A 135 10.08 23.26 3.48
N GLU A 136 11.20 23.88 3.83
CA GLU A 136 11.89 23.55 5.08
C GLU A 136 11.03 23.92 6.30
N GLU A 137 10.27 25.00 6.19
CA GLU A 137 9.35 25.39 7.26
C GLU A 137 8.32 24.30 7.52
N HIS A 138 7.74 23.78 6.44
CA HIS A 138 6.71 22.75 6.55
C HIS A 138 7.30 21.48 7.17
N ILE A 139 8.44 21.04 6.65
CA ILE A 139 9.09 19.83 7.13
C ILE A 139 9.45 19.93 8.61
N ASN A 140 9.98 21.08 9.00
CA ASN A 140 10.51 21.25 10.34
C ASN A 140 9.46 21.33 11.44
N LYS A 141 8.27 21.81 11.11
CA LYS A 141 7.24 21.96 12.13
C LYS A 141 5.99 21.10 11.94
N ASN A 142 5.87 20.42 10.80
CA ASN A 142 4.61 19.72 10.51
C ASN A 142 4.73 18.25 10.15
N VAL A 143 5.96 17.75 10.06
CA VAL A 143 6.21 16.33 9.82
C VAL A 143 6.88 15.70 11.04
N PRO A 144 6.08 15.07 11.92
CA PRO A 144 6.57 14.53 13.20
C PRO A 144 7.65 13.47 13.05
N ILE A 145 7.56 12.68 11.98
CA ILE A 145 8.37 11.48 11.78
C ILE A 145 9.72 11.77 11.11
N PRO A 146 10.81 11.44 11.81
CA PRO A 146 12.18 11.80 11.40
C PRO A 146 12.59 11.13 10.10
N GLU A 147 12.35 9.83 10.01
CA GLU A 147 12.66 9.06 8.82
C GLU A 147 11.92 9.64 7.59
N GLN A 148 10.75 10.24 7.82
CA GLN A 148 9.96 10.84 6.75
C GLN A 148 10.44 12.25 6.40
N GLN A 149 11.00 12.95 7.39
CA GLN A 149 11.60 14.26 7.12
C GLN A 149 12.73 14.11 6.12
N LEU A 150 13.53 13.08 6.30
CA LEU A 150 14.67 12.81 5.45
C LEU A 150 14.22 12.36 4.04
N LYS A 151 13.17 11.54 4.00
CA LYS A 151 12.61 11.09 2.74
C LYS A 151 12.10 12.26 1.88
N TRP A 152 11.39 13.20 2.51
CA TRP A 152 10.90 14.39 1.82
C TRP A 152 12.07 15.22 1.27
N ARG A 153 13.11 15.38 2.07
CA ARG A 153 14.30 16.14 1.67
C ARG A 153 14.98 15.50 0.45
N ARG A 154 15.07 14.18 0.48
CA ARG A 154 15.68 13.42 -0.61
C ARG A 154 14.78 13.34 -1.83
N ALA A 155 13.46 13.43 -1.63
CA ALA A 155 12.51 13.50 -2.74
C ALA A 155 12.67 14.80 -3.55
N ARG A 156 12.95 15.89 -2.84
CA ARG A 156 13.10 17.20 -3.47
C ARG A 156 14.53 17.43 -3.95
N ASN A 157 15.51 16.88 -3.22
CA ASN A 157 16.92 17.21 -3.45
C ASN A 157 17.77 16.07 -4.02
N GLY A 158 17.37 14.83 -3.77
CA GLY A 158 18.08 13.68 -4.33
C GLY A 158 18.47 12.57 -3.38
N PHE A 159 18.26 11.32 -3.82
CA PHE A 159 18.74 10.14 -3.12
C PHE A 159 20.13 9.76 -3.61
N PRO A 160 20.99 9.26 -2.70
CA PRO A 160 22.32 8.79 -3.12
C PRO A 160 22.21 7.70 -4.19
N GLN A 161 23.14 7.66 -5.13
CA GLN A 161 23.04 6.71 -6.24
C GLN A 161 23.09 5.27 -5.75
N GLU A 162 24.11 4.94 -4.94
CA GLU A 162 24.29 3.57 -4.48
C GLU A 162 23.07 3.08 -3.70
N MET A 163 22.38 4.00 -3.03
CA MET A 163 21.11 3.69 -2.38
C MET A 163 20.06 3.23 -3.41
N LEU A 164 19.96 3.95 -4.52
CA LEU A 164 19.00 3.59 -5.56
C LEU A 164 19.31 2.23 -6.17
N ASP A 165 20.59 1.98 -6.47
CA ASP A 165 21.02 0.71 -7.04
C ASP A 165 20.58 -0.46 -6.16
N GLU A 166 20.82 -0.32 -4.85
CA GLU A 166 20.50 -1.40 -3.94
C GLU A 166 18.98 -1.63 -3.88
N GLU A 167 18.22 -0.54 -3.87
CA GLU A 167 16.76 -0.63 -3.79
C GLU A 167 16.19 -1.35 -5.00
N PHE A 168 16.73 -1.04 -6.17
CA PHE A 168 16.36 -1.72 -7.40
C PHE A 168 16.62 -3.23 -7.32
N ARG A 169 17.79 -3.63 -6.78
CA ARG A 169 18.07 -5.06 -6.64
C ARG A 169 17.05 -5.77 -5.76
N LYS A 170 16.62 -5.12 -4.69
CA LYS A 170 15.63 -5.73 -3.79
C LYS A 170 14.27 -5.86 -4.47
N VAL A 171 13.93 -4.91 -5.34
CA VAL A 171 12.70 -5.04 -6.11
C VAL A 171 12.79 -6.31 -6.95
N GLY A 172 13.94 -6.54 -7.57
CA GLY A 172 14.15 -7.74 -8.34
C GLY A 172 13.97 -8.99 -7.50
N VAL A 173 14.59 -9.01 -6.32
CA VAL A 173 14.40 -10.12 -5.38
C VAL A 173 12.93 -10.31 -5.07
N SER A 174 12.22 -9.20 -4.85
CA SER A 174 10.81 -9.26 -4.44
C SER A 174 9.94 -9.87 -5.52
N VAL A 175 10.18 -9.44 -6.76
CA VAL A 175 9.41 -9.90 -7.90
C VAL A 175 9.70 -11.39 -8.22
N ALA A 176 10.96 -11.79 -8.10
CA ALA A 176 11.32 -13.21 -8.26
C ALA A 176 10.61 -14.08 -7.20
N ARG A 177 10.51 -13.58 -5.98
CA ARG A 177 9.87 -14.37 -4.92
C ARG A 177 8.38 -14.59 -5.21
N LEU A 178 7.72 -13.54 -5.70
CA LEU A 178 6.31 -13.60 -6.04
C LEU A 178 6.08 -14.57 -7.17
N GLU A 179 6.97 -14.52 -8.17
CA GLU A 179 6.84 -15.36 -9.34
C GLU A 179 7.05 -16.82 -8.98
N GLU A 180 7.98 -17.06 -8.06
CA GLU A 180 8.25 -18.39 -7.53
C GLU A 180 6.96 -19.09 -7.09
N THR A 181 6.02 -18.32 -6.53
CA THR A 181 4.78 -18.93 -6.03
C THR A 181 3.66 -18.82 -7.07
N LEU A 182 3.51 -17.63 -7.66
CA LEU A 182 2.38 -17.35 -8.55
C LEU A 182 2.51 -18.03 -9.92
N SER A 183 3.70 -18.52 -10.23
CA SER A 183 3.90 -19.34 -11.42
C SER A 183 3.36 -20.76 -11.21
N LYS A 184 2.90 -21.06 -10.00
CA LYS A 184 2.46 -22.42 -9.69
C LYS A 184 1.03 -22.49 -9.15
N GLN A 185 0.47 -21.35 -8.75
CA GLN A 185 -0.88 -21.34 -8.17
C GLN A 185 -1.50 -19.96 -8.35
N ASP A 186 -2.82 -19.86 -8.17
CA ASP A 186 -3.56 -18.64 -8.52
C ASP A 186 -3.41 -17.52 -7.50
N TYR A 187 -3.21 -17.87 -6.23
CA TYR A 187 -3.11 -16.87 -5.17
C TYR A 187 -1.97 -17.23 -4.25
N LEU A 188 -1.53 -16.28 -3.42
CA LEU A 188 -0.29 -16.50 -2.67
C LEU A 188 -0.40 -17.67 -1.66
N VAL A 189 -1.56 -17.82 -1.01
CA VAL A 189 -1.82 -18.99 -0.14
C VAL A 189 -2.84 -19.88 -0.86
N ASP A 190 -2.61 -21.20 -0.86
CA ASP A 190 -3.34 -22.06 -1.79
C ASP A 190 -4.79 -22.31 -1.36
N THR A 191 -5.19 -21.77 -0.22
CA THR A 191 -6.59 -21.78 0.19
C THR A 191 -7.39 -20.70 -0.54
N GLY A 192 -6.69 -19.87 -1.30
CA GLY A 192 -7.37 -18.87 -2.11
C GLY A 192 -7.12 -17.43 -1.68
N TYR A 193 -7.84 -16.52 -2.33
CA TYR A 193 -7.66 -15.08 -2.14
C TYR A 193 -7.73 -14.66 -0.69
N SER A 194 -6.73 -13.87 -0.26
CA SER A 194 -6.65 -13.50 1.15
C SER A 194 -6.00 -12.13 1.28
N LEU A 195 -5.88 -11.68 2.52
CA LEU A 195 -5.12 -10.46 2.85
C LEU A 195 -3.68 -10.51 2.28
N ALA A 196 -3.10 -11.70 2.15
CA ALA A 196 -1.78 -11.82 1.50
C ALA A 196 -1.80 -11.23 0.10
N ASP A 197 -2.79 -11.63 -0.69
CA ASP A 197 -2.90 -11.11 -2.05
C ASP A 197 -3.13 -9.61 -2.05
N ILE A 198 -4.03 -9.14 -1.19
CA ILE A 198 -4.37 -7.72 -1.12
C ILE A 198 -3.14 -6.85 -0.75
N CYS A 199 -2.41 -7.27 0.28
CA CYS A 199 -1.27 -6.48 0.75
C CYS A 199 -0.16 -6.43 -0.31
N ASN A 200 0.05 -7.55 -0.99
CA ASN A 200 1.08 -7.59 -2.03
C ASN A 200 0.62 -6.86 -3.29
N PHE A 201 -0.67 -6.98 -3.61
CA PHE A 201 -1.26 -6.29 -4.77
C PHE A 201 -1.15 -4.79 -4.58
N ALA A 202 -1.31 -4.33 -3.33
CA ALA A 202 -1.20 -2.91 -3.01
C ALA A 202 0.13 -2.33 -3.48
N ILE A 203 1.20 -3.11 -3.34
CA ILE A 203 2.54 -2.71 -3.81
C ILE A 203 2.77 -3.06 -5.27
N ALA A 204 2.35 -4.25 -5.69
CA ALA A 204 2.75 -4.74 -7.02
C ALA A 204 1.95 -4.12 -8.16
N ASN A 205 0.69 -3.77 -7.93
CA ASN A 205 -0.13 -3.24 -9.02
C ASN A 205 0.45 -1.93 -9.56
N GLY A 206 0.74 -1.91 -10.85
CA GLY A 206 1.39 -0.76 -11.46
C GLY A 206 2.80 -1.06 -11.93
N LEU A 207 3.46 -2.03 -11.28
CA LEU A 207 4.82 -2.42 -11.68
C LEU A 207 4.88 -2.94 -13.12
N GLN A 208 3.78 -3.53 -13.58
CA GLN A 208 3.71 -4.13 -14.92
C GLN A 208 3.45 -3.10 -16.04
N ARG A 209 3.43 -1.82 -15.70
CA ARG A 209 3.20 -0.76 -16.69
C ARG A 209 4.31 -0.70 -17.75
N PRO A 210 3.95 -0.93 -19.03
CA PRO A 210 4.94 -0.84 -20.12
C PRO A 210 5.59 0.54 -20.21
N GLY A 211 6.90 0.57 -20.34
CA GLY A 211 7.64 1.83 -20.36
C GLY A 211 7.82 2.46 -19.00
N GLY A 212 7.43 1.72 -17.96
CA GLY A 212 7.55 2.20 -16.59
C GLY A 212 8.91 1.91 -15.97
N PHE A 213 9.00 2.15 -14.66
CA PHE A 213 10.25 1.98 -13.92
C PHE A 213 10.71 0.51 -13.96
N PHE A 214 9.76 -0.40 -13.84
CA PHE A 214 10.11 -1.81 -13.60
C PHE A 214 9.70 -2.76 -14.71
N GLY A 215 9.61 -2.24 -15.93
CA GLY A 215 9.19 -3.02 -17.08
C GLY A 215 10.10 -4.20 -17.37
N ASP A 216 11.38 -4.05 -17.06
CA ASP A 216 12.34 -5.14 -17.24
C ASP A 216 12.19 -6.22 -16.17
N TYR A 217 11.58 -5.88 -15.05
CA TYR A 217 11.40 -6.85 -13.98
C TYR A 217 10.06 -7.58 -14.11
N VAL A 218 9.02 -6.83 -14.41
CA VAL A 218 7.67 -7.38 -14.47
C VAL A 218 7.09 -7.29 -15.89
N ASN A 219 6.95 -8.45 -16.54
CA ASN A 219 6.32 -8.55 -17.84
C ASN A 219 5.99 -10.01 -18.15
N GLN A 220 5.32 -10.25 -19.27
CA GLN A 220 4.84 -11.58 -19.64
C GLN A 220 5.98 -12.58 -19.79
N GLU A 221 7.10 -12.12 -20.35
CA GLU A 221 8.23 -13.00 -20.59
C GLU A 221 8.86 -13.46 -19.28
N LYS A 222 9.16 -12.51 -18.40
CA LYS A 222 9.93 -12.81 -17.19
C LYS A 222 9.07 -13.26 -16.02
N THR A 223 7.88 -12.70 -15.89
CA THR A 223 7.02 -13.02 -14.77
C THR A 223 5.57 -13.23 -15.19
N PRO A 224 5.31 -14.28 -15.99
CA PRO A 224 3.93 -14.58 -16.41
C PRO A 224 3.01 -14.90 -15.23
N GLY A 225 3.53 -15.58 -14.22
CA GLY A 225 2.74 -15.90 -13.04
C GLY A 225 2.27 -14.63 -12.34
N LEU A 226 3.21 -13.75 -12.06
CA LEU A 226 2.90 -12.47 -11.41
C LEU A 226 1.86 -11.67 -12.23
N CYS A 227 2.07 -11.59 -13.55
CA CYS A 227 1.15 -10.88 -14.43
C CYS A 227 -0.26 -11.47 -14.46
N ALA A 228 -0.39 -12.79 -14.48
CA ALA A 228 -1.72 -13.41 -14.48
C ALA A 228 -2.45 -13.13 -13.17
N TRP A 229 -1.70 -13.15 -12.07
CA TRP A 229 -2.22 -12.82 -10.74
C TRP A 229 -2.69 -11.36 -10.69
N LEU A 230 -1.87 -10.44 -11.19
CA LEU A 230 -2.27 -9.03 -11.28
C LEU A 230 -3.57 -8.85 -12.07
N ASP A 231 -3.67 -9.53 -13.21
CA ASP A 231 -4.88 -9.51 -14.03
C ASP A 231 -6.08 -10.08 -13.29
N ARG A 232 -5.87 -11.21 -12.62
CA ARG A 232 -6.87 -11.93 -11.86
C ARG A 232 -7.50 -11.03 -10.78
N ILE A 233 -6.66 -10.37 -10.00
CA ILE A 233 -7.16 -9.53 -8.93
C ILE A 233 -7.88 -8.30 -9.51
N ASN A 234 -7.31 -7.74 -10.58
CA ASN A 234 -7.94 -6.60 -11.25
C ASN A 234 -9.31 -6.94 -11.88
N ALA A 235 -9.57 -8.22 -12.13
CA ALA A 235 -10.86 -8.63 -12.67
C ALA A 235 -11.95 -8.83 -11.60
N ARG A 236 -11.55 -8.89 -10.32
CA ARG A 236 -12.51 -9.11 -9.24
C ARG A 236 -13.47 -7.94 -9.15
N PRO A 237 -14.78 -8.22 -8.98
CA PRO A 237 -15.78 -7.14 -8.93
C PRO A 237 -15.51 -6.08 -7.86
N ALA A 238 -15.08 -6.49 -6.67
CA ALA A 238 -14.83 -5.53 -5.59
C ALA A 238 -13.62 -4.64 -5.88
N ILE A 239 -12.63 -5.18 -6.59
CA ILE A 239 -11.44 -4.41 -6.95
C ILE A 239 -11.78 -3.41 -8.06
N LYS A 240 -12.51 -3.85 -9.07
CA LYS A 240 -13.02 -2.93 -10.08
C LYS A 240 -13.89 -1.84 -9.44
N GLU A 241 -14.75 -2.23 -8.50
CA GLU A 241 -15.59 -1.25 -7.81
C GLU A 241 -14.75 -0.21 -7.05
N MET A 242 -13.68 -0.67 -6.40
CA MET A 242 -12.79 0.20 -5.65
C MET A 242 -12.23 1.29 -6.57
N PHE A 243 -11.69 0.86 -7.71
CA PHE A 243 -11.08 1.82 -8.64
C PHE A 243 -12.13 2.72 -9.30
N GLU A 244 -13.33 2.19 -9.50
CA GLU A 244 -14.40 2.96 -10.11
C GLU A 244 -14.88 4.08 -9.20
N LYS A 245 -14.87 3.80 -7.89
CA LYS A 245 -15.45 4.73 -6.91
C LYS A 245 -14.41 5.56 -6.19
N SER A 246 -13.21 5.61 -6.74
CA SER A 246 -12.13 6.35 -6.12
C SER A 246 -11.66 7.48 -7.04
#